data_3AJF
#
_entry.id   3AJF
#
_cell.length_a   79.690
_cell.length_b   79.690
_cell.length_c   122.087
_cell.angle_alpha   90.00
_cell.angle_beta   90.00
_cell.angle_gamma   90.00
#
_symmetry.space_group_name_H-M   'P 41 21 2'
#
loop_
_entity.id
_entity.type
_entity.pdbx_description
1 polymer 'Non-structural protein 3'
2 non-polymer 'SULFATE ION'
3 water water
#
_entity_poly.entity_id   1
_entity_poly.type   'polypeptide(L)'
_entity_poly.pdbx_seq_one_letter_code
;NGLSNIVLTCKDLPIPIDLLSLFFDILNERHPSFDEH(MSE)FLQ(MSE)IRKPDDPENLSVFLKSAIW(MSE)LSHKRD
LPGHYRLPLTCLVSTYSEYFVELKPR
;
_entity_poly.pdbx_strand_id   A,B,C,D
#
# COMPACT_ATOMS: atom_id res chain seq x y z
N GLY A 2 28.67 -3.58 -24.35
CA GLY A 2 29.28 -4.26 -23.17
C GLY A 2 28.23 -4.52 -22.11
N LEU A 3 27.47 -3.48 -21.78
CA LEU A 3 26.39 -3.58 -20.83
C LEU A 3 25.17 -4.24 -21.49
N SER A 4 25.16 -4.23 -22.83
CA SER A 4 24.14 -4.89 -23.64
C SER A 4 24.46 -6.36 -23.84
N ASN A 5 25.73 -6.72 -23.81
CA ASN A 5 26.15 -8.09 -24.10
C ASN A 5 26.31 -8.98 -22.86
N ILE A 6 26.53 -8.35 -21.70
CA ILE A 6 26.78 -9.06 -20.45
C ILE A 6 25.55 -9.83 -19.96
N VAL A 7 25.78 -11.06 -19.50
CA VAL A 7 24.68 -11.83 -18.98
C VAL A 7 24.77 -11.80 -17.45
N LEU A 8 23.92 -11.04 -16.80
CA LEU A 8 23.84 -11.04 -15.34
C LEU A 8 22.96 -12.21 -14.92
N THR A 9 23.26 -12.84 -13.78
CA THR A 9 22.42 -13.94 -13.30
C THR A 9 21.94 -13.78 -11.85
N CYS A 10 20.74 -14.29 -11.61
CA CYS A 10 20.17 -14.42 -10.27
C CYS A 10 20.00 -15.91 -10.07
N LYS A 11 20.70 -16.51 -9.11
CA LYS A 11 20.58 -17.96 -8.89
C LYS A 11 20.85 -18.70 -10.20
N ASP A 12 21.81 -18.21 -10.97
CA ASP A 12 22.23 -18.81 -12.25
C ASP A 12 21.24 -18.64 -13.40
N LEU A 13 20.16 -17.89 -13.17
CA LEU A 13 19.17 -17.59 -14.19
C LEU A 13 19.46 -16.19 -14.73
N PRO A 14 19.57 -16.06 -16.05
CA PRO A 14 19.80 -14.77 -16.72
C PRO A 14 18.69 -13.75 -16.44
N ILE A 15 19.09 -12.55 -16.06
CA ILE A 15 18.17 -11.46 -15.79
C ILE A 15 18.36 -10.47 -16.89
N PRO A 16 17.38 -10.32 -17.80
CA PRO A 16 17.58 -9.37 -18.89
C PRO A 16 17.76 -7.94 -18.37
N ILE A 17 18.70 -7.22 -18.97
CA ILE A 17 19.08 -5.87 -18.51
C ILE A 17 17.92 -4.84 -18.61
N ASP A 18 17.08 -5.00 -19.63
CA ASP A 18 15.89 -4.18 -19.79
C ASP A 18 14.85 -4.45 -18.70
N LEU A 19 14.90 -5.64 -18.09
CA LEU A 19 14.04 -5.94 -16.95
C LEU A 19 14.43 -5.09 -15.76
N LEU A 20 15.73 -5.00 -15.48
CA LEU A 20 16.18 -4.14 -14.37
C LEU A 20 15.84 -2.67 -14.62
N SER A 21 15.93 -2.23 -15.86
CA SER A 21 15.55 -0.86 -16.22
C SER A 21 14.06 -0.63 -16.04
N LEU A 22 13.27 -1.59 -16.50
CA LEU A 22 11.80 -1.47 -16.38
C LEU A 22 11.37 -1.42 -14.90
N PHE A 23 11.99 -2.28 -14.09
CA PHE A 23 11.73 -2.39 -12.63
C PHE A 23 12.06 -1.02 -12.02
N PHE A 24 13.25 -0.50 -12.31
CA PHE A 24 13.63 0.79 -11.76
C PHE A 24 12.63 1.91 -12.17
N ASP A 25 12.23 1.92 -13.43
CA ASP A 25 11.33 2.95 -13.95
C ASP A 25 9.98 2.94 -13.21
N ILE A 26 9.47 1.74 -12.98
CA ILE A 26 8.18 1.55 -12.33
C ILE A 26 8.30 1.94 -10.87
N LEU A 27 9.36 1.46 -10.20
CA LEU A 27 9.61 1.76 -8.79
C LEU A 27 9.75 3.28 -8.59
N ASN A 28 10.54 3.89 -9.48
CA ASN A 28 10.86 5.31 -9.36
C ASN A 28 9.65 6.18 -9.72
N GLU A 29 8.78 5.70 -10.61
CA GLU A 29 7.55 6.43 -10.91
C GLU A 29 6.66 6.46 -9.66
N ARG A 30 6.48 5.29 -9.01
CA ARG A 30 5.65 5.20 -7.79
C ARG A 30 6.32 5.99 -6.64
N HIS A 31 7.65 5.93 -6.56
CA HIS A 31 8.39 6.59 -5.48
C HIS A 31 9.53 7.42 -6.05
N PRO A 32 9.24 8.67 -6.43
CA PRO A 32 10.27 9.52 -7.05
C PRO A 32 11.56 9.71 -6.22
N SER A 33 11.49 9.57 -4.91
CA SER A 33 12.70 9.73 -4.08
C SER A 33 13.55 8.46 -4.03
N PHE A 34 13.01 7.37 -4.60
CA PHE A 34 13.77 6.14 -4.77
C PHE A 34 14.62 6.27 -6.06
N ASP A 35 15.78 6.90 -5.91
CA ASP A 35 16.62 7.23 -7.04
C ASP A 35 17.51 6.05 -7.47
N GLU A 36 18.22 6.27 -8.56
CA GLU A 36 19.09 5.28 -9.15
C GLU A 36 20.14 4.77 -8.15
N HIS A 37 20.69 5.68 -7.37
CA HIS A 37 21.69 5.28 -6.39
C HIS A 37 21.08 4.33 -5.34
N PHE A 39 18.53 2.44 -5.77
CA PHE A 39 18.19 1.21 -6.52
C PHE A 39 19.44 0.34 -6.60
N LEU A 40 20.57 0.92 -7.04
CA LEU A 40 21.83 0.15 -7.11
C LEU A 40 22.31 -0.39 -5.74
N GLN A 41 22.22 0.43 -4.70
CA GLN A 41 22.55 -0.05 -3.35
C GLN A 41 21.68 -1.25 -2.95
N ILE A 43 20.35 -3.37 -4.93
CA ILE A 43 20.81 -4.51 -5.72
C ILE A 43 22.04 -5.17 -5.10
N ARG A 44 22.96 -4.32 -4.62
CA ARG A 44 24.20 -4.79 -4.00
C ARG A 44 23.95 -5.36 -2.62
N LYS A 45 23.17 -4.66 -1.80
CA LYS A 45 22.91 -5.10 -0.43
C LYS A 45 21.90 -4.23 0.24
N PRO A 46 20.65 -4.70 0.31
CA PRO A 46 19.60 -3.93 1.00
C PRO A 46 20.05 -3.52 2.41
N ASP A 47 19.85 -2.27 2.79
CA ASP A 47 20.42 -1.81 4.07
C ASP A 47 19.38 -1.11 4.92
N ASP A 48 18.14 -1.12 4.42
CA ASP A 48 17.02 -0.51 5.12
C ASP A 48 15.80 -1.38 4.87
N PRO A 49 15.15 -1.88 5.95
CA PRO A 49 13.96 -2.74 5.76
C PRO A 49 12.80 -2.03 5.08
N GLU A 50 12.57 -0.75 5.38
CA GLU A 50 11.50 -0.01 4.67
C GLU A 50 11.78 0.15 3.16
N ASN A 51 13.00 0.51 2.77
CA ASN A 51 13.34 0.64 1.36
C ASN A 51 13.25 -0.69 0.63
N LEU A 52 13.70 -1.75 1.29
CA LEU A 52 13.60 -3.09 0.68
C LEU A 52 12.12 -3.48 0.50
N SER A 53 11.28 -3.16 1.48
CA SER A 53 9.84 -3.42 1.41
C SER A 53 9.21 -2.77 0.18
N VAL A 54 9.54 -1.51 -0.05
CA VAL A 54 9.06 -0.75 -1.21
C VAL A 54 9.57 -1.35 -2.55
N PHE A 55 10.87 -1.66 -2.62
CA PHE A 55 11.50 -2.35 -3.77
C PHE A 55 10.78 -3.66 -4.10
N LEU A 56 10.58 -4.51 -3.09
CA LEU A 56 9.88 -5.80 -3.32
C LEU A 56 8.41 -5.62 -3.72
N LYS A 57 7.72 -4.66 -3.10
CA LYS A 57 6.32 -4.42 -3.40
C LYS A 57 6.09 -3.96 -4.84
N SER A 58 7.03 -3.19 -5.39
CA SER A 58 6.95 -2.83 -6.83
C SER A 58 7.10 -4.05 -7.74
N ALA A 59 8.07 -4.90 -7.43
CA ALA A 59 8.28 -6.14 -8.20
C ALA A 59 7.08 -7.09 -8.10
N ILE A 60 6.50 -7.23 -6.90
CA ILE A 60 5.30 -8.05 -6.67
C ILE A 60 4.08 -7.46 -7.42
N TRP A 61 3.94 -6.14 -7.38
CA TRP A 61 2.91 -5.48 -8.20
C TRP A 61 3.03 -5.82 -9.70
N LEU A 63 4.29 -8.44 -11.05
CA LEU A 63 3.94 -9.84 -11.28
C LEU A 63 2.45 -10.13 -11.07
N SER A 64 1.81 -9.39 -10.18
CA SER A 64 0.46 -9.71 -9.77
C SER A 64 -0.58 -8.90 -10.53
N HIS A 65 -0.18 -7.72 -11.03
CA HIS A 65 -1.18 -6.78 -11.60
C HIS A 65 -0.89 -6.37 -13.04
N LYS A 66 0.38 -6.29 -13.40
CA LYS A 66 0.78 -5.73 -14.71
C LYS A 66 0.50 -6.73 -15.82
N ARG A 67 -0.53 -6.45 -16.60
CA ARG A 67 -0.92 -7.36 -17.66
C ARG A 67 0.04 -7.46 -18.83
N ASP A 68 0.87 -6.45 -19.07
CA ASP A 68 1.73 -6.47 -20.26
C ASP A 68 3.19 -6.72 -19.91
N LEU A 69 3.45 -7.36 -18.77
CA LEU A 69 4.84 -7.74 -18.44
C LEU A 69 5.25 -8.80 -19.46
N PRO A 70 6.37 -8.59 -20.19
CA PRO A 70 6.75 -9.67 -21.12
C PRO A 70 6.84 -11.07 -20.45
N GLY A 71 6.38 -12.10 -21.14
CA GLY A 71 6.37 -13.47 -20.61
C GLY A 71 7.73 -13.95 -20.12
N HIS A 72 8.79 -13.61 -20.85
CA HIS A 72 10.13 -14.06 -20.47
C HIS A 72 10.72 -13.28 -19.29
N TYR A 73 10.01 -12.27 -18.81
CA TYR A 73 10.44 -11.53 -17.64
C TYR A 73 9.95 -12.19 -16.36
N ARG A 74 8.99 -13.13 -16.45
CA ARG A 74 8.36 -13.62 -15.22
C ARG A 74 9.32 -14.39 -14.30
N LEU A 75 10.13 -15.25 -14.89
CA LEU A 75 11.03 -16.11 -14.11
C LEU A 75 12.17 -15.29 -13.45
N PRO A 76 12.86 -14.46 -14.25
CA PRO A 76 13.89 -13.62 -13.61
C PRO A 76 13.36 -12.64 -12.56
N LEU A 77 12.17 -12.08 -12.77
CA LEU A 77 11.65 -11.11 -11.84
C LEU A 77 11.24 -11.81 -10.54
N THR A 78 10.67 -13.01 -10.67
CA THR A 78 10.31 -13.79 -9.52
C THR A 78 11.58 -14.19 -8.77
N CYS A 79 12.63 -14.52 -9.51
CA CYS A 79 13.93 -14.83 -8.90
C CYS A 79 14.39 -13.66 -8.03
N LEU A 80 14.32 -12.44 -8.58
CA LEU A 80 14.72 -11.24 -7.84
C LEU A 80 13.89 -11.07 -6.54
N VAL A 81 12.58 -11.27 -6.64
CA VAL A 81 11.73 -11.18 -5.47
C VAL A 81 12.18 -12.19 -4.42
N SER A 82 12.34 -13.43 -4.88
CA SER A 82 12.65 -14.55 -4.02
C SER A 82 13.99 -14.34 -3.34
N THR A 83 15.00 -13.90 -4.11
CA THR A 83 16.34 -13.67 -3.57
C THR A 83 16.50 -12.44 -2.68
N TYR A 84 15.87 -11.32 -3.04
CA TYR A 84 16.08 -10.11 -2.27
C TYR A 84 15.28 -10.13 -0.99
N SER A 85 14.17 -10.89 -0.98
CA SER A 85 13.42 -11.09 0.28
C SER A 85 14.28 -11.74 1.36
N GLU A 86 15.28 -12.50 0.95
CA GLU A 86 16.16 -13.21 1.89
C GLU A 86 16.86 -12.29 2.87
N TYR A 87 17.07 -11.04 2.49
CA TYR A 87 17.82 -10.12 3.32
C TYR A 87 17.04 -9.80 4.60
N PHE A 88 15.72 -10.03 4.61
CA PHE A 88 14.94 -9.80 5.82
C PHE A 88 15.36 -10.62 7.03
N VAL A 89 16.10 -11.69 6.83
CA VAL A 89 16.48 -12.51 7.94
C VAL A 89 17.34 -11.67 8.90
N GLU A 90 18.28 -10.91 8.36
CA GLU A 90 19.16 -10.12 9.23
C GLU A 90 18.77 -8.64 9.31
N LEU A 91 18.01 -8.17 8.33
CA LEU A 91 17.57 -6.78 8.24
C LEU A 91 16.23 -6.55 8.96
N LYS A 92 16.30 -5.91 10.12
CA LYS A 92 15.17 -5.76 11.05
C LYS A 92 14.68 -4.30 11.17
N PRO A 93 13.39 -4.08 11.42
CA PRO A 93 12.89 -2.72 11.67
C PRO A 93 13.56 -2.06 12.88
N GLY B 2 -12.79 15.28 31.80
CA GLY B 2 -12.40 16.56 31.12
C GLY B 2 -12.09 16.31 29.64
N LEU B 3 -11.10 15.47 29.38
CA LEU B 3 -10.79 15.04 28.01
C LEU B 3 -11.88 14.15 27.42
N SER B 4 -12.52 13.35 28.26
CA SER B 4 -13.60 12.48 27.80
C SER B 4 -14.88 13.28 27.62
N ASN B 5 -15.11 14.23 28.52
CA ASN B 5 -16.35 15.00 28.54
C ASN B 5 -16.43 16.08 27.47
N ILE B 6 -15.32 16.75 27.19
CA ILE B 6 -15.29 17.78 26.15
C ILE B 6 -15.87 17.19 24.88
N VAL B 7 -16.65 17.99 24.15
CA VAL B 7 -17.14 17.57 22.84
C VAL B 7 -16.31 18.29 21.78
N LEU B 8 -15.46 17.55 21.08
CA LEU B 8 -14.69 18.12 19.98
C LEU B 8 -15.50 17.97 18.72
N THR B 9 -15.35 18.91 17.80
CA THR B 9 -16.02 18.80 16.52
C THR B 9 -15.13 18.93 15.28
N CYS B 10 -15.55 18.26 14.21
CA CYS B 10 -15.02 18.40 12.85
C CYS B 10 -16.21 18.89 12.02
N LYS B 11 -16.06 20.02 11.33
CA LYS B 11 -17.20 20.63 10.60
C LYS B 11 -18.45 20.65 11.46
N ASP B 12 -18.25 20.93 12.74
CA ASP B 12 -19.34 21.04 13.70
C ASP B 12 -20.05 19.70 14.01
N LEU B 13 -19.45 18.60 13.54
CA LEU B 13 -19.92 17.25 13.88
C LEU B 13 -19.10 16.67 15.02
N PRO B 14 -19.75 16.16 16.07
CA PRO B 14 -19.09 15.57 17.23
C PRO B 14 -18.18 14.40 16.85
N ILE B 15 -16.94 14.43 17.35
CA ILE B 15 -15.95 13.38 17.07
C ILE B 15 -15.73 12.64 18.38
N PRO B 16 -16.12 11.35 18.47
CA PRO B 16 -15.86 10.70 19.76
C PRO B 16 -14.36 10.60 20.05
N ILE B 17 -13.96 10.89 21.29
CA ILE B 17 -12.54 10.87 21.64
C ILE B 17 -11.93 9.47 21.52
N ASP B 18 -12.73 8.46 21.86
CA ASP B 18 -12.32 7.08 21.63
C ASP B 18 -12.13 6.76 20.13
N LEU B 19 -12.77 7.51 19.21
CA LEU B 19 -12.50 7.31 17.78
C LEU B 19 -11.09 7.75 17.44
N LEU B 20 -10.69 8.89 18.00
CA LEU B 20 -9.35 9.41 17.78
C LEU B 20 -8.31 8.45 18.34
N SER B 21 -8.58 7.91 19.54
CA SER B 21 -7.70 6.90 20.16
C SER B 21 -7.63 5.63 19.31
N LEU B 22 -8.79 5.14 18.86
CA LEU B 22 -8.80 3.97 17.98
C LEU B 22 -8.00 4.18 16.68
N PHE B 23 -8.16 5.34 16.08
CA PHE B 23 -7.50 5.72 14.80
C PHE B 23 -5.98 5.75 15.03
N PHE B 24 -5.54 6.45 16.07
CA PHE B 24 -4.12 6.40 16.39
C PHE B 24 -3.61 4.99 16.59
N ASP B 25 -4.33 4.17 17.37
CA ASP B 25 -3.84 2.81 17.67
C ASP B 25 -3.64 2.03 16.35
N ILE B 26 -4.59 2.14 15.43
CA ILE B 26 -4.49 1.41 14.14
C ILE B 26 -3.37 1.96 13.24
N LEU B 27 -3.25 3.28 13.18
CA LEU B 27 -2.20 3.91 12.38
C LEU B 27 -0.81 3.53 12.91
N ASN B 28 -0.69 3.62 14.24
CA ASN B 28 0.59 3.33 14.89
C ASN B 28 0.97 1.83 14.85
N GLU B 29 -0.02 0.94 14.83
CA GLU B 29 0.29 -0.48 14.74
C GLU B 29 0.90 -0.74 13.34
N ARG B 30 0.32 -0.13 12.32
CA ARG B 30 0.77 -0.31 10.94
C ARG B 30 2.11 0.40 10.66
N HIS B 31 2.27 1.57 11.28
CA HIS B 31 3.47 2.37 11.16
C HIS B 31 3.98 2.72 12.55
N PRO B 32 4.74 1.80 13.22
CA PRO B 32 5.24 2.08 14.56
C PRO B 32 6.05 3.37 14.72
N SER B 33 6.61 3.90 13.65
CA SER B 33 7.34 5.16 13.81
C SER B 33 6.42 6.42 13.70
N PHE B 34 5.13 6.20 13.43
CA PHE B 34 4.13 7.25 13.48
C PHE B 34 3.64 7.41 14.93
N ASP B 35 4.33 8.25 15.70
CA ASP B 35 4.12 8.33 17.13
C ASP B 35 3.07 9.37 17.50
N GLU B 36 2.80 9.49 18.79
CA GLU B 36 1.75 10.34 19.34
C GLU B 36 2.02 11.79 18.96
N HIS B 37 3.28 12.20 19.03
CA HIS B 37 3.66 13.56 18.62
C HIS B 37 3.31 13.89 17.16
N PHE B 39 1.13 12.27 15.32
CA PHE B 39 -0.33 12.20 15.20
C PHE B 39 -0.97 13.53 15.64
N LEU B 40 -0.60 14.04 16.81
CA LEU B 40 -1.09 15.33 17.28
C LEU B 40 -0.77 16.46 16.27
N GLN B 41 0.46 16.46 15.76
CA GLN B 41 0.83 17.45 14.76
C GLN B 41 -0.03 17.38 13.52
N ILE B 43 -3.10 16.32 13.46
CA ILE B 43 -4.41 16.79 13.82
C ILE B 43 -4.42 18.33 13.76
N ARG B 44 -3.32 18.95 14.23
CA ARG B 44 -3.23 20.40 14.26
C ARG B 44 -3.02 21.01 12.89
N LYS B 45 -2.04 20.50 12.14
CA LYS B 45 -1.75 21.04 10.81
C LYS B 45 -0.80 20.13 10.11
N PRO B 46 -1.30 19.34 9.14
CA PRO B 46 -0.40 18.46 8.35
C PRO B 46 0.76 19.22 7.71
N ASP B 47 1.99 18.71 7.84
CA ASP B 47 3.13 19.44 7.32
C ASP B 47 4.04 18.64 6.39
N ASP B 48 3.59 17.43 6.07
CA ASP B 48 4.38 16.52 5.27
C ASP B 48 3.40 15.68 4.46
N PRO B 49 3.49 15.73 3.10
CA PRO B 49 2.55 15.03 2.23
C PRO B 49 2.60 13.52 2.43
N GLU B 50 3.79 12.97 2.66
CA GLU B 50 3.88 11.52 2.89
C GLU B 50 3.23 11.10 4.21
N ASN B 51 3.51 11.82 5.29
CA ASN B 51 2.86 11.52 6.55
C ASN B 51 1.33 11.67 6.46
N LEU B 52 0.86 12.69 5.74
CA LEU B 52 -0.60 12.92 5.59
C LEU B 52 -1.26 11.77 4.84
N SER B 53 -0.60 11.37 3.76
CA SER B 53 -1.01 10.26 2.96
C SER B 53 -1.20 8.96 3.78
N VAL B 54 -0.21 8.63 4.61
CA VAL B 54 -0.27 7.50 5.51
C VAL B 54 -1.40 7.60 6.58
N PHE B 55 -1.53 8.79 7.17
CA PHE B 55 -2.62 9.15 8.08
C PHE B 55 -3.98 8.87 7.44
N LEU B 56 -4.19 9.42 6.25
CA LEU B 56 -5.44 9.25 5.53
C LEU B 56 -5.71 7.81 5.07
N LYS B 57 -4.68 7.10 4.67
CA LYS B 57 -4.85 5.69 4.26
C LYS B 57 -5.29 4.74 5.37
N SER B 58 -4.80 4.94 6.59
CA SER B 58 -5.33 4.16 7.75
C SER B 58 -6.82 4.49 8.01
N ALA B 59 -7.20 5.77 7.93
CA ALA B 59 -8.61 6.14 8.08
C ALA B 59 -9.47 5.50 6.98
N ILE B 60 -8.94 5.51 5.76
CA ILE B 60 -9.64 4.94 4.64
C ILE B 60 -9.79 3.42 4.77
N TRP B 61 -8.72 2.75 5.14
CA TRP B 61 -8.78 1.34 5.45
C TRP B 61 -9.86 1.05 6.52
N LEU B 63 -12.60 2.66 7.18
CA LEU B 63 -13.93 2.82 6.53
C LEU B 63 -14.24 1.79 5.42
N SER B 64 -13.21 1.32 4.73
CA SER B 64 -13.44 0.42 3.63
C SER B 64 -13.26 -1.06 3.93
N HIS B 65 -12.53 -1.40 4.98
CA HIS B 65 -12.16 -2.84 5.22
C HIS B 65 -12.57 -3.37 6.61
N LYS B 66 -12.51 -2.50 7.62
CA LYS B 66 -12.76 -2.89 9.01
C LYS B 66 -14.25 -3.18 9.27
N ARG B 67 -14.60 -4.43 9.49
CA ARG B 67 -16.00 -4.81 9.58
C ARG B 67 -16.63 -4.48 10.94
N ASP B 68 -15.81 -4.25 11.96
CA ASP B 68 -16.33 -4.00 13.31
C ASP B 68 -16.10 -2.56 13.75
N LEU B 69 -16.00 -1.63 12.80
CA LEU B 69 -15.99 -0.19 13.11
C LEU B 69 -17.36 0.19 13.68
N PRO B 70 -17.41 0.74 14.90
CA PRO B 70 -18.75 1.15 15.39
C PRO B 70 -19.53 1.98 14.35
N GLY B 71 -20.82 1.72 14.20
CA GLY B 71 -21.63 2.43 13.21
C GLY B 71 -21.57 3.94 13.43
N HIS B 72 -21.62 4.36 14.69
CA HIS B 72 -21.64 5.81 15.01
C HIS B 72 -20.28 6.47 14.82
N TYR B 73 -19.26 5.68 14.48
CA TYR B 73 -17.96 6.24 14.14
C TYR B 73 -17.86 6.62 12.65
N ARG B 74 -18.76 6.11 11.79
CA ARG B 74 -18.55 6.25 10.33
C ARG B 74 -18.65 7.71 9.88
N LEU B 75 -19.65 8.46 10.37
CA LEU B 75 -19.77 9.87 9.98
C LEU B 75 -18.55 10.70 10.45
N PRO B 76 -18.23 10.65 11.77
CA PRO B 76 -17.11 11.49 12.17
C PRO B 76 -15.79 11.06 11.51
N LEU B 77 -15.56 9.76 11.31
CA LEU B 77 -14.32 9.34 10.65
C LEU B 77 -14.23 9.82 9.21
N THR B 78 -15.35 9.76 8.50
CA THR B 78 -15.40 10.24 7.14
C THR B 78 -15.17 11.74 7.10
N CYS B 79 -15.75 12.46 8.08
CA CYS B 79 -15.46 13.89 8.27
C CYS B 79 -13.96 14.16 8.36
N LEU B 80 -13.25 13.39 9.18
CA LEU B 80 -11.78 13.52 9.30
C LEU B 80 -11.05 13.34 7.96
N VAL B 81 -11.41 12.30 7.17
CA VAL B 81 -10.74 12.02 5.89
C VAL B 81 -10.98 13.20 4.98
N SER B 82 -12.24 13.62 4.92
CA SER B 82 -12.66 14.67 4.03
C SER B 82 -11.96 15.97 4.41
N THR B 83 -11.90 16.29 5.71
CA THR B 83 -11.35 17.59 6.11
C THR B 83 -9.81 17.61 6.03
N TYR B 84 -9.16 16.54 6.45
CA TYR B 84 -7.69 16.52 6.41
C TYR B 84 -7.13 16.38 5.01
N SER B 85 -7.91 15.80 4.11
CA SER B 85 -7.49 15.72 2.70
C SER B 85 -7.35 17.12 2.05
N GLU B 86 -8.10 18.11 2.58
CA GLU B 86 -8.08 19.47 2.02
C GLU B 86 -6.68 20.08 2.10
N TYR B 87 -5.84 19.63 3.03
CA TYR B 87 -4.48 20.17 3.16
C TYR B 87 -3.59 19.89 1.95
N PHE B 88 -3.98 18.95 1.09
CA PHE B 88 -3.19 18.67 -0.14
C PHE B 88 -3.12 19.85 -1.13
N VAL B 89 -4.03 20.82 -1.04
CA VAL B 89 -3.96 21.88 -2.04
C VAL B 89 -2.62 22.61 -1.89
N GLU B 90 -2.25 22.93 -0.64
CA GLU B 90 -1.01 23.66 -0.41
C GLU B 90 0.20 22.77 -0.02
N LEU B 91 -0.08 21.57 0.45
CA LEU B 91 0.97 20.62 0.82
C LEU B 91 1.36 19.74 -0.36
N LYS B 92 2.49 20.08 -0.99
CA LYS B 92 2.97 19.46 -2.23
C LYS B 92 4.20 18.58 -1.99
N PRO B 93 4.42 17.56 -2.84
CA PRO B 93 5.60 16.73 -2.73
C PRO B 93 6.85 17.57 -2.90
N ASN C 5 -8.44 35.69 3.20
CA ASN C 5 -9.08 34.34 3.12
C ASN C 5 -10.16 34.28 2.04
N ILE C 6 -10.14 33.22 1.25
CA ILE C 6 -11.16 32.89 0.24
C ILE C 6 -11.64 31.49 0.54
N VAL C 7 -12.95 31.30 0.46
CA VAL C 7 -13.55 29.98 0.65
C VAL C 7 -14.09 29.42 -0.66
N LEU C 8 -13.51 28.32 -1.12
CA LEU C 8 -13.94 27.69 -2.34
C LEU C 8 -14.78 26.49 -2.02
N THR C 9 -16.02 26.49 -2.47
CA THR C 9 -16.88 25.31 -2.33
C THR C 9 -16.47 24.25 -3.33
N CYS C 10 -16.21 23.03 -2.83
CA CYS C 10 -15.93 21.89 -3.75
C CYS C 10 -17.13 21.51 -4.60
N LYS C 11 -18.31 22.00 -4.22
CA LYS C 11 -19.56 21.71 -4.93
C LYS C 11 -19.62 22.54 -6.21
N ASP C 12 -19.73 21.84 -7.33
CA ASP C 12 -19.73 22.47 -8.67
C ASP C 12 -18.42 23.23 -8.94
N LEU C 13 -17.35 22.84 -8.23
CA LEU C 13 -16.01 23.29 -8.59
C LEU C 13 -15.72 22.62 -9.91
N PRO C 14 -15.34 23.40 -10.94
CA PRO C 14 -14.99 22.84 -12.26
C PRO C 14 -13.77 21.94 -12.21
N ILE C 15 -13.85 20.83 -12.94
CA ILE C 15 -12.77 19.84 -13.00
C ILE C 15 -12.28 19.74 -14.45
N PRO C 16 -10.99 20.02 -14.70
CA PRO C 16 -10.51 19.89 -16.08
C PRO C 16 -10.72 18.48 -16.59
N ILE C 17 -11.15 18.37 -17.83
CA ILE C 17 -11.29 17.06 -18.47
C ILE C 17 -9.97 16.33 -18.49
N ASP C 18 -8.88 17.06 -18.72
CA ASP C 18 -7.54 16.43 -18.73
C ASP C 18 -7.10 15.94 -17.34
N LEU C 19 -7.52 16.59 -16.26
CA LEU C 19 -7.23 15.98 -14.96
C LEU C 19 -7.98 14.66 -14.78
N LEU C 20 -9.25 14.62 -15.16
CA LEU C 20 -10.01 13.40 -14.99
C LEU C 20 -9.44 12.23 -15.84
N SER C 21 -9.01 12.57 -17.06
CA SER C 21 -8.34 11.62 -17.95
C SER C 21 -7.05 11.11 -17.35
N LEU C 22 -6.21 12.01 -16.85
CA LEU C 22 -4.97 11.60 -16.17
C LEU C 22 -5.21 10.73 -14.94
N PHE C 23 -6.25 11.05 -14.16
CA PHE C 23 -6.61 10.31 -12.95
C PHE C 23 -6.97 8.91 -13.40
N PHE C 24 -7.84 8.80 -14.42
CA PHE C 24 -8.20 7.48 -14.96
C PHE C 24 -6.96 6.67 -15.42
N ASP C 25 -6.11 7.31 -16.20
CA ASP C 25 -4.91 6.66 -16.73
C ASP C 25 -3.96 6.14 -15.63
N ILE C 26 -3.78 6.93 -14.57
CA ILE C 26 -2.99 6.48 -13.40
C ILE C 26 -3.68 5.34 -12.62
N LEU C 27 -4.97 5.51 -12.32
CA LEU C 27 -5.68 4.49 -11.58
C LEU C 27 -5.69 3.16 -12.37
N ASN C 28 -5.95 3.27 -13.67
CA ASN C 28 -6.09 2.08 -14.52
C ASN C 28 -4.75 1.40 -14.77
N GLU C 29 -3.68 2.19 -14.80
CA GLU C 29 -2.33 1.59 -14.85
C GLU C 29 -2.01 0.72 -13.59
N ARG C 30 -2.31 1.25 -12.42
CA ARG C 30 -2.06 0.56 -11.13
C ARG C 30 -3.04 -0.65 -10.99
N HIS C 31 -4.28 -0.46 -11.47
CA HIS C 31 -5.36 -1.47 -11.42
C HIS C 31 -6.04 -1.64 -12.77
N PRO C 32 -5.44 -2.46 -13.66
CA PRO C 32 -5.94 -2.66 -15.02
C PRO C 32 -7.37 -3.21 -15.10
N SER C 33 -7.87 -3.86 -14.05
CA SER C 33 -9.29 -4.27 -14.04
C SER C 33 -10.26 -3.11 -13.69
N PHE C 34 -9.71 -1.95 -13.31
CA PHE C 34 -10.50 -0.73 -13.06
C PHE C 34 -10.75 -0.01 -14.41
N ASP C 35 -11.80 -0.42 -15.11
CA ASP C 35 -12.03 0.07 -16.48
C ASP C 35 -12.84 1.36 -16.52
N GLU C 36 -12.99 1.90 -17.73
CA GLU C 36 -13.78 3.12 -18.00
C GLU C 36 -15.16 3.13 -17.38
N HIS C 37 -15.90 2.03 -17.52
CA HIS C 37 -17.26 1.93 -16.97
C HIS C 37 -17.25 2.06 -15.44
N PHE C 39 -14.95 3.51 -13.68
CA PHE C 39 -14.52 4.88 -13.32
C PHE C 39 -15.69 5.87 -13.46
N LEU C 40 -16.41 5.79 -14.58
CA LEU C 40 -17.62 6.59 -14.74
C LEU C 40 -18.67 6.32 -13.67
N GLN C 41 -18.86 5.06 -13.29
CA GLN C 41 -19.80 4.72 -12.24
C GLN C 41 -19.38 5.26 -10.88
N ILE C 43 -17.65 8.14 -10.48
CA ILE C 43 -18.01 9.55 -10.62
C ILE C 43 -19.51 9.73 -10.38
N ARG C 44 -20.29 8.80 -10.93
CA ARG C 44 -21.74 8.87 -10.90
C ARG C 44 -22.18 8.63 -9.47
N LYS C 45 -21.82 7.48 -8.90
CA LYS C 45 -22.17 7.13 -7.52
C LYS C 45 -21.36 5.92 -7.06
N PRO C 46 -20.41 6.11 -6.13
CA PRO C 46 -19.60 4.99 -5.65
C PRO C 46 -20.51 3.93 -5.09
N ASP C 47 -20.29 2.68 -5.50
CA ASP C 47 -21.22 1.64 -5.08
C ASP C 47 -20.54 0.41 -4.49
N ASP C 48 -19.22 0.50 -4.26
CA ASP C 48 -18.47 -0.58 -3.63
C ASP C 48 -17.33 0.04 -2.79
N PRO C 49 -17.20 -0.34 -1.50
CA PRO C 49 -16.23 0.32 -0.60
C PRO C 49 -14.78 0.03 -0.99
N GLU C 50 -14.52 -1.18 -1.52
CA GLU C 50 -13.16 -1.52 -1.97
C GLU C 50 -12.81 -0.75 -3.22
N ASN C 51 -13.75 -0.65 -4.14
CA ASN C 51 -13.47 0.14 -5.34
C ASN C 51 -13.26 1.65 -5.03
N LEU C 52 -14.10 2.23 -4.17
CA LEU C 52 -13.93 3.63 -3.77
C LEU C 52 -12.57 3.83 -3.10
N SER C 53 -12.21 2.89 -2.24
CA SER C 53 -10.91 2.92 -1.58
C SER C 53 -9.75 3.08 -2.57
N VAL C 54 -9.75 2.25 -3.60
CA VAL C 54 -8.65 2.20 -4.56
C VAL C 54 -8.66 3.48 -5.41
N PHE C 55 -9.85 3.92 -5.82
CA PHE C 55 -10.05 5.20 -6.51
C PHE C 55 -9.41 6.34 -5.71
N LEU C 56 -9.75 6.44 -4.42
CA LEU C 56 -9.24 7.52 -3.59
C LEU C 56 -7.76 7.42 -3.35
N LYS C 57 -7.26 6.19 -3.12
CA LYS C 57 -5.84 5.97 -2.95
C LYS C 57 -4.95 6.43 -4.14
N SER C 58 -5.40 6.17 -5.38
CA SER C 58 -4.69 6.72 -6.56
C SER C 58 -4.69 8.26 -6.57
N ALA C 59 -5.83 8.87 -6.22
CA ALA C 59 -5.90 10.34 -6.19
C ALA C 59 -4.97 10.90 -5.08
N ILE C 60 -4.95 10.23 -3.92
CA ILE C 60 -4.11 10.63 -2.80
C ILE C 60 -2.65 10.46 -3.15
N TRP C 61 -2.32 9.35 -3.84
CA TRP C 61 -0.96 9.14 -4.36
C TRP C 61 -0.52 10.30 -5.29
N LEU C 63 -1.53 13.36 -5.33
CA LEU C 63 -1.36 14.58 -4.51
C LEU C 63 -0.16 14.50 -3.60
N SER C 64 0.17 13.31 -3.09
CA SER C 64 1.25 13.18 -2.11
C SER C 64 2.65 12.80 -2.66
N HIS C 65 2.70 12.21 -3.86
CA HIS C 65 3.94 11.64 -4.40
C HIS C 65 4.38 12.15 -5.76
N LYS C 66 3.41 12.52 -6.59
CA LYS C 66 3.69 12.82 -7.99
C LYS C 66 4.22 14.24 -8.14
N ARG C 67 5.51 14.34 -8.43
CA ARG C 67 6.23 15.63 -8.41
C ARG C 67 5.86 16.53 -9.58
N ASP C 68 5.29 15.95 -10.63
CA ASP C 68 5.05 16.69 -11.86
C ASP C 68 3.53 16.88 -12.09
N LEU C 69 2.75 16.86 -11.02
CA LEU C 69 1.32 17.18 -11.17
C LEU C 69 1.13 18.71 -11.32
N PRO C 70 0.48 19.15 -12.42
CA PRO C 70 0.27 20.56 -12.66
C PRO C 70 -0.36 21.22 -11.46
N GLY C 71 0.15 22.39 -11.10
CA GLY C 71 -0.33 23.07 -9.91
C GLY C 71 -1.82 23.35 -9.99
N HIS C 72 -2.27 23.56 -11.23
CA HIS C 72 -3.63 23.94 -11.54
C HIS C 72 -4.59 22.81 -11.15
N TYR C 73 -4.04 21.61 -10.98
CA TYR C 73 -4.86 20.44 -10.71
C TYR C 73 -4.99 20.09 -9.23
N ARG C 74 -4.21 20.73 -8.36
CA ARG C 74 -4.24 20.38 -6.93
C ARG C 74 -5.62 20.60 -6.32
N LEU C 75 -6.21 21.77 -6.60
CA LEU C 75 -7.51 22.10 -6.02
C LEU C 75 -8.62 21.16 -6.43
N PRO C 76 -8.84 20.98 -7.75
CA PRO C 76 -9.91 20.13 -8.24
C PRO C 76 -9.69 18.67 -7.82
N LEU C 77 -8.44 18.20 -7.84
CA LEU C 77 -8.16 16.83 -7.40
C LEU C 77 -8.37 16.65 -5.90
N THR C 78 -8.00 17.65 -5.11
CA THR C 78 -8.27 17.59 -3.66
C THR C 78 -9.77 17.60 -3.36
N CYS C 79 -10.52 18.40 -4.11
CA CYS C 79 -11.97 18.45 -3.98
C CYS C 79 -12.63 17.12 -4.35
N LEU C 80 -12.10 16.46 -5.37
CA LEU C 80 -12.52 15.09 -5.71
C LEU C 80 -12.33 14.15 -4.52
N VAL C 81 -11.18 14.20 -3.87
CA VAL C 81 -10.93 13.31 -2.74
C VAL C 81 -11.88 13.66 -1.58
N SER C 82 -12.01 14.95 -1.29
CA SER C 82 -12.77 15.39 -0.15
C SER C 82 -14.26 15.05 -0.33
N THR C 83 -14.76 15.21 -1.55
CA THR C 83 -16.19 15.00 -1.76
C THR C 83 -16.56 13.53 -1.89
N TYR C 84 -15.76 12.75 -2.60
CA TYR C 84 -16.00 11.32 -2.82
C TYR C 84 -15.79 10.45 -1.59
N SER C 85 -14.92 10.91 -0.70
CA SER C 85 -14.77 10.29 0.61
C SER C 85 -16.09 10.24 1.36
N GLU C 86 -16.96 11.23 1.13
CA GLU C 86 -18.22 11.30 1.88
C GLU C 86 -19.07 10.07 1.72
N TYR C 87 -18.90 9.36 0.61
CA TYR C 87 -19.74 8.18 0.35
C TYR C 87 -19.51 7.04 1.33
N PHE C 88 -18.40 7.06 2.09
CA PHE C 88 -18.14 6.02 3.08
C PHE C 88 -19.11 6.04 4.27
N VAL C 89 -19.85 7.13 4.45
CA VAL C 89 -20.81 7.15 5.56
C VAL C 89 -21.75 5.96 5.44
N GLU C 90 -22.33 5.78 4.25
CA GLU C 90 -23.31 4.72 4.00
C GLU C 90 -22.69 3.46 3.36
N LEU C 91 -21.60 3.62 2.64
CA LEU C 91 -20.98 2.53 1.89
C LEU C 91 -20.00 1.77 2.78
N LYS C 92 -20.41 0.63 3.29
CA LYS C 92 -19.60 -0.04 4.29
C LYS C 92 -19.24 -1.45 3.84
N PRO C 93 -18.20 -2.06 4.43
CA PRO C 93 -17.75 -3.40 4.03
C PRO C 93 -18.90 -4.42 4.02
N SER D 4 31.60 -21.84 7.32
CA SER D 4 31.58 -20.43 6.81
C SER D 4 30.22 -20.00 6.26
N ASN D 5 29.55 -20.89 5.53
CA ASN D 5 28.25 -20.59 4.95
C ASN D 5 27.33 -21.79 5.06
N ILE D 6 26.06 -21.53 5.36
CA ILE D 6 25.11 -22.59 5.57
C ILE D 6 23.96 -22.44 4.58
N VAL D 7 23.69 -23.50 3.84
CA VAL D 7 22.62 -23.45 2.86
C VAL D 7 21.38 -24.13 3.43
N LEU D 8 20.26 -23.39 3.41
CA LEU D 8 19.01 -23.90 3.94
C LEU D 8 17.94 -24.00 2.84
N THR D 9 17.32 -25.17 2.72
CA THR D 9 16.24 -25.37 1.79
C THR D 9 14.94 -24.88 2.43
N CYS D 10 14.42 -23.75 1.94
CA CYS D 10 13.26 -23.13 2.58
C CYS D 10 12.04 -24.06 2.57
N LYS D 11 12.05 -25.05 1.68
CA LYS D 11 10.90 -25.93 1.49
C LYS D 11 10.72 -26.95 2.61
N ASP D 12 11.84 -27.45 3.16
CA ASP D 12 11.77 -28.37 4.28
C ASP D 12 12.12 -27.72 5.60
N LEU D 13 12.00 -26.40 5.66
CA LEU D 13 12.31 -25.67 6.87
C LEU D 13 11.08 -25.70 7.79
N PRO D 14 11.26 -26.14 9.04
CA PRO D 14 10.19 -26.09 10.06
C PRO D 14 9.59 -24.68 10.28
N ILE D 15 8.26 -24.60 10.41
CA ILE D 15 7.54 -23.35 10.66
C ILE D 15 6.71 -23.51 11.94
N PRO D 16 7.02 -22.69 12.96
CA PRO D 16 6.23 -22.78 14.21
C PRO D 16 4.72 -22.61 13.93
N ILE D 17 3.88 -23.45 14.50
CA ILE D 17 2.45 -23.29 14.30
C ILE D 17 2.01 -21.89 14.77
N ASP D 18 2.61 -21.39 15.86
CA ASP D 18 2.26 -20.07 16.39
C ASP D 18 2.62 -18.93 15.39
N LEU D 19 3.61 -19.17 14.53
CA LEU D 19 3.88 -18.20 13.48
C LEU D 19 2.81 -18.17 12.41
N LEU D 20 2.42 -19.32 11.88
CA LEU D 20 1.33 -19.34 10.91
C LEU D 20 0.03 -18.74 11.48
N SER D 21 -0.22 -19.03 12.75
CA SER D 21 -1.36 -18.45 13.46
C SER D 21 -1.25 -16.93 13.50
N LEU D 22 -0.09 -16.40 13.91
CA LEU D 22 0.13 -14.94 13.96
C LEU D 22 -0.03 -14.30 12.59
N PHE D 23 0.59 -14.93 11.60
CA PHE D 23 0.52 -14.46 10.22
C PHE D 23 -0.94 -14.40 9.75
N PHE D 24 -1.69 -15.48 9.94
CA PHE D 24 -3.10 -15.46 9.58
C PHE D 24 -3.85 -14.33 10.28
N ASP D 25 -3.59 -14.15 11.57
CA ASP D 25 -4.31 -13.16 12.37
C ASP D 25 -4.07 -11.76 11.81
N ILE D 26 -2.82 -11.48 11.43
CA ILE D 26 -2.46 -10.17 10.87
C ILE D 26 -3.07 -9.95 9.47
N LEU D 27 -2.85 -10.90 8.57
CA LEU D 27 -3.50 -10.86 7.25
C LEU D 27 -5.05 -10.73 7.31
N ASN D 28 -5.70 -11.53 8.12
CA ASN D 28 -7.16 -11.49 8.25
C ASN D 28 -7.65 -10.18 8.89
N GLU D 29 -6.86 -9.59 9.79
CA GLU D 29 -7.27 -8.27 10.35
C GLU D 29 -7.28 -7.20 9.24
N ARG D 30 -6.23 -7.23 8.43
CA ARG D 30 -6.02 -6.32 7.29
C ARG D 30 -7.08 -6.57 6.20
N HIS D 31 -7.36 -7.84 5.94
CA HIS D 31 -8.30 -8.29 4.89
C HIS D 31 -9.27 -9.33 5.48
N PRO D 32 -10.36 -8.86 6.14
CA PRO D 32 -11.35 -9.74 6.78
C PRO D 32 -12.00 -10.75 5.87
N SER D 33 -11.97 -10.53 4.56
CA SER D 33 -12.54 -11.51 3.63
C SER D 33 -11.50 -12.58 3.29
N PHE D 34 -10.26 -12.43 3.79
CA PHE D 34 -9.23 -13.45 3.60
C PHE D 34 -9.38 -14.43 4.80
N ASP D 35 -10.21 -15.46 4.59
CA ASP D 35 -10.59 -16.37 5.66
C ASP D 35 -9.68 -17.59 5.77
N GLU D 36 -9.97 -18.41 6.78
CA GLU D 36 -9.16 -19.58 7.18
C GLU D 36 -8.97 -20.48 5.98
N HIS D 37 -10.08 -20.80 5.34
CA HIS D 37 -10.07 -21.63 4.14
C HIS D 37 -9.15 -21.08 3.02
N PHE D 39 -6.61 -18.98 3.39
CA PHE D 39 -5.25 -19.08 3.90
C PHE D 39 -4.66 -20.50 3.69
N LEU D 40 -5.41 -21.53 4.07
CA LEU D 40 -4.96 -22.92 3.85
C LEU D 40 -4.78 -23.26 2.36
N GLN D 41 -5.65 -22.78 1.48
CA GLN D 41 -5.47 -23.00 0.04
C GLN D 41 -4.19 -22.33 -0.49
N ILE D 43 -1.37 -21.85 1.39
CA ILE D 43 -0.32 -22.75 1.84
C ILE D 43 -0.26 -23.96 0.93
N ARG D 44 -1.43 -24.46 0.52
CA ARG D 44 -1.48 -25.69 -0.27
C ARG D 44 -0.99 -25.40 -1.70
N LYS D 45 -1.58 -24.40 -2.34
CA LYS D 45 -1.16 -23.98 -3.68
C LYS D 45 -1.86 -22.64 -4.04
N PRO D 46 -1.09 -21.54 -4.13
CA PRO D 46 -1.66 -20.26 -4.58
C PRO D 46 -2.35 -20.37 -5.94
N ASP D 47 -3.57 -19.88 -6.05
CA ASP D 47 -4.36 -20.04 -7.28
C ASP D 47 -4.89 -18.74 -7.86
N ASP D 48 -4.50 -17.60 -7.30
CA ASP D 48 -4.98 -16.31 -7.74
C ASP D 48 -3.85 -15.31 -7.43
N PRO D 49 -3.40 -14.54 -8.43
CA PRO D 49 -2.26 -13.64 -8.23
C PRO D 49 -2.56 -12.50 -7.27
N GLU D 50 -3.78 -11.98 -7.28
CA GLU D 50 -4.08 -10.90 -6.34
C GLU D 50 -4.09 -11.39 -4.90
N ASN D 51 -4.65 -12.57 -4.66
CA ASN D 51 -4.63 -13.13 -3.30
C ASN D 51 -3.19 -13.44 -2.83
N LEU D 52 -2.39 -13.96 -3.75
CA LEU D 52 -1.01 -14.24 -3.42
C LEU D 52 -0.32 -12.95 -3.06
N SER D 53 -0.59 -11.88 -3.83
CA SER D 53 0.02 -10.59 -3.59
C SER D 53 -0.29 -10.10 -2.17
N VAL D 54 -1.57 -10.09 -1.79
CA VAL D 54 -1.90 -9.63 -0.44
C VAL D 54 -1.31 -10.49 0.71
N PHE D 55 -1.34 -11.82 0.56
CA PHE D 55 -0.65 -12.81 1.42
C PHE D 55 0.83 -12.44 1.63
N LEU D 56 1.57 -12.26 0.53
CA LEU D 56 2.99 -11.93 0.62
C LEU D 56 3.21 -10.56 1.24
N LYS D 57 2.36 -9.59 0.90
CA LYS D 57 2.53 -8.26 1.42
C LYS D 57 2.35 -8.18 2.96
N SER D 58 1.47 -9.00 3.55
CA SER D 58 1.31 -9.03 5.02
C SER D 58 2.58 -9.62 5.63
N ALA D 59 3.11 -10.69 5.05
CA ALA D 59 4.36 -11.28 5.56
C ALA D 59 5.49 -10.28 5.49
N ILE D 60 5.52 -9.49 4.42
CA ILE D 60 6.59 -8.50 4.22
C ILE D 60 6.45 -7.36 5.21
N TRP D 61 5.22 -6.87 5.40
CA TRP D 61 4.99 -5.87 6.43
C TRP D 61 5.49 -6.37 7.80
N LEU D 63 7.83 -8.40 8.47
CA LEU D 63 9.28 -8.45 8.47
C LEU D 63 9.89 -7.05 8.39
N SER D 64 9.19 -6.11 7.76
CA SER D 64 9.77 -4.78 7.53
C SER D 64 9.34 -3.70 8.49
N HIS D 65 8.20 -3.88 9.18
CA HIS D 65 7.65 -2.81 10.06
C HIS D 65 7.41 -3.24 11.49
N LYS D 66 7.04 -4.50 11.70
CA LYS D 66 6.58 -4.97 12.99
C LYS D 66 7.77 -5.10 13.91
N ARG D 67 7.82 -4.26 14.93
CA ARG D 67 8.98 -4.19 15.81
C ARG D 67 9.01 -5.29 16.88
N ASP D 68 7.89 -5.97 17.11
CA ASP D 68 7.83 -7.01 18.11
C ASP D 68 7.65 -8.39 17.50
N LEU D 69 8.18 -8.61 16.31
CA LEU D 69 8.14 -9.94 15.75
C LEU D 69 9.18 -10.76 16.50
N PRO D 70 8.77 -11.88 17.12
CA PRO D 70 9.81 -12.71 17.79
C PRO D 70 10.97 -13.03 16.84
N GLY D 71 12.22 -12.91 17.28
CA GLY D 71 13.35 -13.07 16.35
C GLY D 71 13.49 -14.47 15.75
N HIS D 72 12.98 -15.47 16.45
CA HIS D 72 13.02 -16.84 15.95
C HIS D 72 11.97 -17.08 14.86
N TYR D 73 11.14 -16.07 14.55
CA TYR D 73 10.17 -16.19 13.44
C TYR D 73 10.74 -15.62 12.17
N ARG D 74 11.86 -14.87 12.27
CA ARG D 74 12.40 -14.17 11.09
C ARG D 74 12.80 -15.13 9.96
N LEU D 75 13.56 -16.18 10.27
CA LEU D 75 13.98 -17.17 9.27
C LEU D 75 12.84 -17.96 8.62
N PRO D 76 11.95 -18.61 9.43
CA PRO D 76 10.85 -19.29 8.75
C PRO D 76 9.91 -18.35 7.98
N LEU D 77 9.67 -17.13 8.49
CA LEU D 77 8.77 -16.21 7.80
C LEU D 77 9.39 -15.74 6.48
N THR D 78 10.68 -15.46 6.50
CA THR D 78 11.40 -15.10 5.26
C THR D 78 11.38 -16.23 4.23
N CYS D 79 11.53 -17.46 4.70
CA CYS D 79 11.46 -18.61 3.83
C CYS D 79 10.07 -18.76 3.22
N LEU D 80 9.02 -18.49 4.01
CA LEU D 80 7.67 -18.48 3.46
C LEU D 80 7.55 -17.48 2.33
N VAL D 81 8.04 -16.27 2.54
CA VAL D 81 8.03 -15.26 1.45
C VAL D 81 8.77 -15.71 0.18
N SER D 82 9.97 -16.24 0.33
CA SER D 82 10.83 -16.64 -0.80
C SER D 82 10.22 -17.84 -1.52
N THR D 83 9.70 -18.80 -0.76
CA THR D 83 9.04 -20.00 -1.31
C THR D 83 7.76 -19.63 -2.09
N TYR D 84 6.81 -18.95 -1.44
CA TYR D 84 5.54 -18.66 -2.06
C TYR D 84 5.60 -17.66 -3.21
N SER D 85 6.58 -16.75 -3.18
CA SER D 85 6.76 -15.85 -4.31
C SER D 85 7.03 -16.59 -5.63
N GLU D 86 7.61 -17.78 -5.56
CA GLU D 86 7.92 -18.60 -6.75
C GLU D 86 6.70 -18.93 -7.63
N TYR D 87 5.51 -19.01 -7.00
CA TYR D 87 4.28 -19.34 -7.76
C TYR D 87 3.92 -18.27 -8.78
N PHE D 88 4.52 -17.07 -8.68
CA PHE D 88 4.27 -16.02 -9.69
C PHE D 88 4.80 -16.37 -11.08
N VAL D 89 5.73 -17.32 -11.20
CA VAL D 89 6.24 -17.62 -12.55
C VAL D 89 5.09 -18.02 -13.46
N GLU D 90 4.24 -18.94 -13.01
CA GLU D 90 3.07 -19.36 -13.82
C GLU D 90 1.77 -18.64 -13.49
N LEU D 91 1.64 -18.11 -12.29
CA LEU D 91 0.40 -17.46 -11.87
C LEU D 91 0.37 -15.98 -12.31
N LYS D 92 -0.30 -15.72 -13.43
CA LYS D 92 -0.30 -14.42 -14.13
C LYS D 92 -1.62 -13.69 -13.93
N PRO D 93 -1.65 -12.34 -14.07
CA PRO D 93 -2.95 -11.65 -14.05
C PRO D 93 -3.86 -12.12 -15.22
#